data_1TGH
#
_entry.id   1TGH
#
_cell.length_a   66.965
_cell.length_b   67.397
_cell.length_c   86.226
_cell.angle_alpha   90.00
_cell.angle_beta   90.00
_cell.angle_gamma   90.00
#
_symmetry.space_group_name_H-M   'P 21 21 21'
#
loop_
_entity.id
_entity.type
_entity.pdbx_description
1 polymer "DNA (5'-D(*CP*GP*TP*AP*TP*AP*TP*AP*TP*AP*CP*G)-3')"
2 polymer 'PROTEIN (TATA BINDING PROTEIN (TBP))'
3 water water
#
loop_
_entity_poly.entity_id
_entity_poly.type
_entity_poly.pdbx_seq_one_letter_code
_entity_poly.pdbx_strand_id
1 'polydeoxyribonucleotide' (DC)(DG)(DT)(DA)(DT)(DA)(DT)(DA)(DT)(DA)(DC)(DG) B,C
2 'polypeptide(L)'
;GSRGSGIVPQLQNIVSTVNLGCKLDLKTIALRARNAEYNPKRFAAVIMRIREPRTTALIFSSGKMVCTGAKSEEQSRLAA
RKYARVVQKLGFPAKFLDFKIQNMVGSCDVKFPIRLEGLVLTHQQFSSYEPELFPGLIYRMIKPRIVLLIFVSGKVVLTG
AKVRAEIYEAFENIYPILKGFRKTT
;
A
#
loop_
_chem_comp.id
_chem_comp.type
_chem_comp.name
_chem_comp.formula
DA DNA linking 2'-DEOXYADENOSINE-5'-MONOPHOSPHATE 'C10 H14 N5 O6 P'
DC DNA linking 2'-DEOXYCYTIDINE-5'-MONOPHOSPHATE 'C9 H14 N3 O7 P'
DG DNA linking 2'-DEOXYGUANOSINE-5'-MONOPHOSPHATE 'C10 H14 N5 O7 P'
DT DNA linking THYMIDINE-5'-MONOPHOSPHATE 'C10 H15 N2 O8 P'
#
# COMPACT_ATOMS: atom_id res chain seq x y z
N SER C 5 13.84 17.22 10.52
CA SER C 5 12.46 17.70 10.29
C SER C 5 11.60 17.40 11.52
N GLY C 6 12.05 16.42 12.30
CA GLY C 6 11.34 16.05 13.52
C GLY C 6 10.05 15.28 13.44
N ILE C 7 9.51 15.09 12.23
CA ILE C 7 8.26 14.35 12.03
C ILE C 7 8.50 12.95 11.44
N VAL C 8 7.53 12.04 11.56
CA VAL C 8 7.70 10.67 11.08
C VAL C 8 6.47 10.03 10.46
N PRO C 9 6.58 9.67 9.20
CA PRO C 9 5.44 9.04 8.55
C PRO C 9 5.03 7.76 9.30
N GLN C 10 3.73 7.55 9.40
CA GLN C 10 3.23 6.37 10.05
C GLN C 10 2.82 5.53 8.89
N LEU C 11 3.34 4.31 8.82
CA LEU C 11 2.99 3.40 7.73
C LEU C 11 1.46 3.20 7.80
N GLN C 12 0.82 2.85 6.70
CA GLN C 12 -0.62 2.70 6.72
C GLN C 12 -1.13 1.49 5.98
N ASN C 13 -0.27 0.91 5.14
CA ASN C 13 -0.69 -0.22 4.33
C ASN C 13 0.59 -0.77 3.79
N ILE C 14 0.62 -2.05 3.45
CA ILE C 14 1.83 -2.69 2.91
C ILE C 14 1.19 -3.71 2.01
N VAL C 15 1.62 -3.80 0.76
CA VAL C 15 1.01 -4.75 -0.14
C VAL C 15 2.20 -5.63 -0.41
N SER C 16 2.03 -6.93 -0.30
CA SER C 16 3.13 -7.86 -0.51
C SER C 16 2.58 -9.04 -1.25
N THR C 17 3.43 -9.80 -1.90
CA THR C 17 2.94 -10.95 -2.60
C THR C 17 3.76 -12.12 -2.12
N VAL C 18 3.31 -13.34 -2.43
CA VAL C 18 4.06 -14.55 -2.07
C VAL C 18 3.60 -15.66 -2.99
N ASN C 19 4.39 -16.73 -3.09
CA ASN C 19 4.01 -17.86 -3.94
C ASN C 19 3.90 -19.19 -3.21
N LEU C 20 2.65 -19.65 -3.13
CA LEU C 20 2.27 -20.87 -2.46
C LEU C 20 2.81 -22.11 -3.13
N GLY C 21 3.29 -21.91 -4.35
CA GLY C 21 3.87 -23.01 -5.09
C GLY C 21 3.05 -24.26 -5.28
N CYS C 22 1.83 -24.12 -5.81
CA CYS C 22 0.92 -25.24 -6.10
C CYS C 22 -0.41 -24.69 -6.57
N LYS C 23 -0.77 -24.98 -7.81
CA LYS C 23 -2.03 -24.51 -8.40
C LYS C 23 -3.23 -24.77 -7.47
N LEU C 24 -3.93 -23.71 -7.09
CA LEU C 24 -5.07 -23.79 -6.22
C LEU C 24 -6.34 -23.99 -7.01
N ASP C 25 -7.39 -24.36 -6.29
CA ASP C 25 -8.71 -24.54 -6.90
C ASP C 25 -9.55 -23.57 -6.10
N LEU C 26 -9.82 -22.43 -6.74
CA LEU C 26 -10.54 -21.36 -6.14
C LEU C 26 -11.97 -21.65 -5.77
N LYS C 27 -12.73 -22.31 -6.64
CA LYS C 27 -14.12 -22.58 -6.29
C LYS C 27 -14.13 -23.43 -5.03
N THR C 28 -13.26 -24.42 -5.00
CA THR C 28 -13.14 -25.27 -3.85
C THR C 28 -12.91 -24.33 -2.68
N ILE C 29 -11.82 -23.60 -2.73
CA ILE C 29 -11.46 -22.66 -1.67
C ILE C 29 -12.62 -21.70 -1.28
N ALA C 30 -13.34 -21.23 -2.28
CA ALA C 30 -14.44 -20.30 -2.10
C ALA C 30 -15.53 -20.95 -1.29
N LEU C 31 -15.85 -22.19 -1.63
CA LEU C 31 -16.90 -22.94 -0.96
C LEU C 31 -16.62 -23.24 0.52
N ARG C 32 -15.37 -23.60 0.80
CA ARG C 32 -14.99 -23.99 2.15
C ARG C 32 -14.34 -22.99 3.11
N ALA C 33 -13.55 -22.04 2.63
CA ALA C 33 -12.92 -21.09 3.55
C ALA C 33 -13.90 -20.14 4.25
N ARG C 34 -15.12 -20.10 3.73
CA ARG C 34 -16.21 -19.30 4.27
C ARG C 34 -16.04 -17.79 4.42
N ASN C 35 -14.92 -17.31 4.95
CA ASN C 35 -14.80 -15.87 5.06
C ASN C 35 -14.35 -15.30 3.73
N ALA C 36 -14.44 -16.13 2.69
CA ALA C 36 -14.06 -15.79 1.32
C ALA C 36 -15.16 -15.09 0.51
N GLU C 37 -14.74 -14.57 -0.66
CA GLU C 37 -15.58 -13.89 -1.64
C GLU C 37 -14.98 -14.35 -2.96
N TYR C 38 -15.82 -14.65 -3.94
CA TYR C 38 -15.29 -15.13 -5.22
C TYR C 38 -16.27 -15.03 -6.37
N ASN C 39 -15.81 -14.45 -7.46
CA ASN C 39 -16.62 -14.32 -8.66
C ASN C 39 -15.69 -14.09 -9.84
N PRO C 40 -15.22 -15.18 -10.46
CA PRO C 40 -14.32 -15.15 -11.61
C PRO C 40 -14.83 -14.31 -12.78
N LYS C 41 -16.01 -13.73 -12.63
CA LYS C 41 -16.57 -12.85 -13.66
C LYS C 41 -15.87 -11.51 -13.47
N ARG C 42 -16.00 -10.97 -12.26
CA ARG C 42 -15.41 -9.70 -11.95
C ARG C 42 -13.89 -9.74 -11.78
N PHE C 43 -13.34 -10.83 -11.28
CA PHE C 43 -11.89 -10.92 -11.10
C PHE C 43 -11.55 -12.36 -10.87
N ALA C 44 -10.35 -12.80 -11.21
CA ALA C 44 -9.99 -14.21 -11.04
C ALA C 44 -9.17 -14.60 -9.80
N ALA C 45 -9.73 -14.36 -8.62
CA ALA C 45 -9.04 -14.66 -7.38
C ALA C 45 -10.09 -14.67 -6.29
N VAL C 46 -9.84 -15.42 -5.22
CA VAL C 46 -10.80 -15.46 -4.12
C VAL C 46 -10.28 -14.49 -3.08
N ILE C 47 -11.13 -13.57 -2.71
CA ILE C 47 -10.78 -12.56 -1.73
C ILE C 47 -10.99 -13.30 -0.43
N MET C 48 -10.12 -13.10 0.53
CA MET C 48 -10.24 -13.81 1.80
C MET C 48 -9.68 -12.86 2.79
N ARG C 49 -10.23 -12.86 4.00
CA ARG C 49 -9.75 -11.93 5.01
C ARG C 49 -9.62 -12.53 6.41
N ILE C 50 -8.56 -12.15 7.13
CA ILE C 50 -8.36 -12.62 8.50
C ILE C 50 -8.61 -11.45 9.44
N ARG C 51 -8.64 -11.71 10.74
CA ARG C 51 -8.87 -10.65 11.70
C ARG C 51 -7.58 -10.21 12.39
N GLU C 52 -6.52 -11.00 12.21
CA GLU C 52 -5.21 -10.70 12.75
C GLU C 52 -4.13 -11.55 12.07
N PRO C 53 -3.19 -10.90 11.37
CA PRO C 53 -3.18 -9.45 11.24
C PRO C 53 -4.34 -9.03 10.33
N ARG C 54 -5.14 -8.06 10.80
CA ARG C 54 -6.28 -7.59 10.03
C ARG C 54 -5.82 -7.27 8.59
N THR C 55 -6.19 -8.12 7.64
CA THR C 55 -5.78 -7.93 6.26
C THR C 55 -6.85 -8.36 5.28
N THR C 56 -6.46 -8.52 4.02
CA THR C 56 -7.31 -8.99 2.95
C THR C 56 -6.36 -9.57 1.96
N ALA C 57 -6.78 -10.59 1.24
CA ALA C 57 -5.89 -11.25 0.35
C ALA C 57 -6.59 -11.72 -0.91
N LEU C 58 -5.89 -11.58 -2.03
CA LEU C 58 -6.43 -12.01 -3.29
C LEU C 58 -5.66 -13.30 -3.48
N ILE C 59 -6.40 -14.42 -3.57
CA ILE C 59 -5.82 -15.74 -3.74
C ILE C 59 -5.98 -16.10 -5.19
N PHE C 60 -4.89 -16.56 -5.80
CA PHE C 60 -4.87 -16.93 -7.20
C PHE C 60 -4.67 -18.40 -7.53
N SER C 61 -5.43 -18.86 -8.50
CA SER C 61 -5.37 -20.22 -8.99
C SER C 61 -3.94 -20.65 -9.29
N SER C 62 -3.10 -19.68 -9.65
CA SER C 62 -1.71 -19.94 -9.98
C SER C 62 -0.82 -20.31 -8.80
N GLY C 63 -1.34 -20.09 -7.59
CA GLY C 63 -0.56 -20.37 -6.40
C GLY C 63 -0.06 -19.05 -5.87
N LYS C 64 0.10 -18.09 -6.77
CA LYS C 64 0.56 -16.77 -6.39
C LYS C 64 -0.53 -16.09 -5.55
N MET C 65 -0.12 -15.17 -4.69
CA MET C 65 -1.08 -14.50 -3.84
C MET C 65 -0.62 -13.10 -3.45
N VAL C 66 -1.57 -12.18 -3.31
CA VAL C 66 -1.26 -10.81 -2.94
C VAL C 66 -1.91 -10.60 -1.60
N CYS C 67 -1.23 -9.87 -0.74
CA CYS C 67 -1.72 -9.58 0.60
C CYS C 67 -1.75 -8.04 0.81
N THR C 68 -2.87 -7.50 1.25
CA THR C 68 -3.04 -6.06 1.43
C THR C 68 -3.70 -5.80 2.78
N GLY C 69 -3.47 -4.61 3.34
CA GLY C 69 -4.10 -4.30 4.60
C GLY C 69 -3.17 -3.95 5.73
N ALA C 70 -2.14 -4.78 5.92
CA ALA C 70 -1.13 -4.63 6.99
C ALA C 70 -0.69 -3.21 7.31
N LYS C 71 0.20 -3.05 8.27
CA LYS C 71 0.64 -1.70 8.56
C LYS C 71 2.08 -1.81 8.92
N SER C 72 2.69 -2.94 8.63
CA SER C 72 4.09 -3.11 8.95
C SER C 72 4.57 -4.29 8.15
N GLU C 73 5.84 -4.22 7.80
CA GLU C 73 6.47 -5.25 7.01
C GLU C 73 6.11 -6.62 7.56
N GLU C 74 6.22 -6.77 8.87
CA GLU C 74 5.93 -8.05 9.49
C GLU C 74 4.47 -8.42 9.57
N GLN C 75 3.59 -7.53 10.01
CA GLN C 75 2.19 -7.91 10.06
C GLN C 75 1.78 -8.48 8.71
N SER C 76 2.32 -7.91 7.64
CA SER C 76 1.97 -8.38 6.33
C SER C 76 2.53 -9.75 6.16
N ARG C 77 3.81 -9.89 6.45
CA ARG C 77 4.42 -11.20 6.27
C ARG C 77 3.67 -12.27 7.01
N LEU C 78 3.29 -11.98 8.25
CA LEU C 78 2.55 -12.95 9.07
C LEU C 78 1.24 -13.29 8.38
N ALA C 79 0.40 -12.27 8.15
CA ALA C 79 -0.88 -12.50 7.50
C ALA C 79 -0.65 -13.32 6.24
N ALA C 80 0.47 -13.08 5.55
CA ALA C 80 0.77 -13.81 4.34
C ALA C 80 0.86 -15.27 4.74
N ARG C 81 1.57 -15.56 5.82
CA ARG C 81 1.73 -16.94 6.31
C ARG C 81 0.38 -17.58 6.70
N LYS C 82 -0.36 -16.91 7.56
CA LYS C 82 -1.65 -17.45 7.95
C LYS C 82 -2.58 -17.74 6.75
N TYR C 83 -2.60 -16.94 5.69
CA TYR C 83 -3.48 -17.26 4.55
C TYR C 83 -2.91 -18.47 3.85
N ALA C 84 -1.59 -18.58 3.89
CA ALA C 84 -0.89 -19.70 3.26
C ALA C 84 -1.35 -20.97 3.94
N ARG C 85 -1.34 -20.91 5.28
CA ARG C 85 -1.73 -22.04 6.14
C ARG C 85 -3.20 -22.39 5.96
N VAL C 86 -4.04 -21.36 5.89
CA VAL C 86 -5.48 -21.52 5.70
C VAL C 86 -5.79 -22.37 4.47
N VAL C 87 -5.01 -22.19 3.41
CA VAL C 87 -5.20 -22.94 2.18
C VAL C 87 -4.60 -24.33 2.37
N GLN C 88 -3.52 -24.36 3.17
CA GLN C 88 -2.76 -25.57 3.51
C GLN C 88 -3.73 -26.59 4.09
N LYS C 89 -4.44 -26.17 5.12
CA LYS C 89 -5.42 -26.97 5.83
C LYS C 89 -6.68 -27.32 5.02
N LEU C 90 -6.90 -26.62 3.91
CA LEU C 90 -8.04 -26.90 3.07
C LEU C 90 -7.73 -28.03 2.09
N GLY C 91 -6.46 -28.41 2.00
CA GLY C 91 -6.07 -29.49 1.11
C GLY C 91 -5.13 -29.28 -0.07
N PHE C 92 -4.12 -28.43 0.08
CA PHE C 92 -3.15 -28.16 -1.01
C PHE C 92 -1.79 -27.89 -0.34
N PRO C 93 -0.65 -28.23 -1.00
CA PRO C 93 0.78 -28.07 -0.60
C PRO C 93 1.22 -26.58 -0.46
N ALA C 94 0.74 -25.89 0.56
CA ALA C 94 1.05 -24.50 0.70
C ALA C 94 2.44 -24.20 1.12
N LYS C 95 3.28 -23.88 0.15
CA LYS C 95 4.66 -23.50 0.47
C LYS C 95 4.63 -21.96 0.64
N PHE C 96 5.77 -21.35 0.95
CA PHE C 96 5.81 -19.90 1.11
C PHE C 96 7.02 -19.35 0.36
N LEU C 97 7.08 -19.62 -0.93
CA LEU C 97 8.22 -19.15 -1.67
C LEU C 97 8.11 -17.67 -2.06
N ASP C 98 9.29 -17.08 -2.25
CA ASP C 98 9.43 -15.73 -2.75
C ASP C 98 8.59 -14.62 -2.17
N PHE C 99 8.56 -14.49 -0.85
CA PHE C 99 7.79 -13.39 -0.27
C PHE C 99 8.50 -12.10 -0.70
N LYS C 100 7.75 -11.00 -0.83
CA LYS C 100 8.30 -9.71 -1.23
C LYS C 100 7.30 -8.60 -0.94
N ILE C 101 7.80 -7.46 -0.49
CA ILE C 101 6.97 -6.31 -0.18
C ILE C 101 6.91 -5.41 -1.42
N GLN C 102 5.77 -5.45 -2.12
CA GLN C 102 5.53 -4.67 -3.34
C GLN C 102 5.14 -3.18 -3.18
N ASN C 103 4.49 -2.84 -2.09
CA ASN C 103 4.09 -1.45 -1.95
C ASN C 103 3.95 -1.21 -0.46
N MET C 104 4.16 0.03 -0.07
CA MET C 104 4.11 0.46 1.29
C MET C 104 3.60 1.88 1.18
N VAL C 105 2.68 2.27 2.06
CA VAL C 105 2.05 3.58 2.07
C VAL C 105 2.26 4.20 3.43
N GLY C 106 2.45 5.50 3.50
CA GLY C 106 2.65 6.12 4.79
C GLY C 106 2.01 7.49 4.79
N SER C 107 1.68 8.01 5.96
CA SER C 107 1.07 9.32 6.06
C SER C 107 1.59 10.02 7.30
N CYS C 108 1.47 11.34 7.33
CA CYS C 108 1.91 12.14 8.44
C CYS C 108 1.35 13.52 8.26
N ASP C 109 1.58 14.38 9.25
CA ASP C 109 1.02 15.73 9.25
C ASP C 109 2.09 16.81 9.45
N VAL C 110 2.31 17.64 8.42
CA VAL C 110 3.31 18.68 8.53
C VAL C 110 2.92 19.69 9.60
N LYS C 111 1.64 19.73 9.95
CA LYS C 111 1.15 20.64 10.97
C LYS C 111 1.11 22.09 10.53
N PHE C 112 0.42 22.37 9.42
CA PHE C 112 0.25 23.72 8.88
C PHE C 112 -0.29 23.70 7.48
N PRO C 113 -1.05 24.71 7.11
CA PRO C 113 -1.62 24.78 5.76
C PRO C 113 -0.58 25.07 4.66
N ILE C 114 -0.90 24.64 3.45
CA ILE C 114 0.01 24.79 2.33
C ILE C 114 -0.75 25.32 1.13
N ARG C 115 -0.20 26.35 0.51
CA ARG C 115 -0.83 26.93 -0.65
C ARG C 115 -0.37 26.11 -1.83
N LEU C 116 -1.16 25.08 -2.13
CA LEU C 116 -0.89 24.17 -3.23
C LEU C 116 -0.56 24.93 -4.51
N GLU C 117 -1.35 25.97 -4.78
CA GLU C 117 -1.21 26.84 -5.96
C GLU C 117 0.21 27.24 -6.38
N GLY C 118 1.07 27.53 -5.41
CA GLY C 118 2.45 27.92 -5.68
C GLY C 118 3.39 26.74 -5.91
N LEU C 119 3.28 25.72 -5.05
CA LEU C 119 4.10 24.51 -5.13
C LEU C 119 4.00 24.01 -6.55
N VAL C 120 2.77 23.94 -7.02
CA VAL C 120 2.48 23.49 -8.37
C VAL C 120 3.36 24.24 -9.33
N LEU C 121 3.42 25.55 -9.18
CA LEU C 121 4.22 26.34 -10.09
C LEU C 121 5.72 26.16 -10.01
N THR C 122 6.27 26.51 -8.86
CA THR C 122 7.71 26.40 -8.62
C THR C 122 8.21 24.97 -8.76
N HIS C 123 7.31 24.01 -8.97
CA HIS C 123 7.68 22.61 -9.09
C HIS C 123 6.93 21.82 -10.16
N GLN C 124 6.37 22.51 -11.16
CA GLN C 124 5.61 21.88 -12.24
C GLN C 124 6.09 20.54 -12.81
N GLN C 125 7.39 20.39 -12.98
CA GLN C 125 7.91 19.14 -13.53
C GLN C 125 7.63 17.97 -12.61
N PHE C 126 7.34 18.24 -11.34
CA PHE C 126 7.08 17.21 -10.36
C PHE C 126 5.64 17.11 -9.94
N SER C 127 4.98 18.25 -9.81
CA SER C 127 3.59 18.30 -9.40
C SER C 127 2.52 18.09 -10.46
N SER C 128 1.27 18.03 -10.00
CA SER C 128 0.06 17.87 -10.85
C SER C 128 -1.01 18.39 -9.87
N TYR C 129 -1.93 19.22 -10.33
CA TYR C 129 -2.92 19.74 -9.40
C TYR C 129 -4.15 20.26 -10.14
N GLU C 130 -5.22 19.50 -10.08
CA GLU C 130 -6.45 19.90 -10.71
C GLU C 130 -7.39 19.67 -9.54
N PRO C 131 -7.45 20.63 -8.62
CA PRO C 131 -8.23 20.69 -7.37
C PRO C 131 -9.71 20.40 -7.48
N GLU C 132 -10.25 20.52 -8.69
CA GLU C 132 -11.67 20.25 -8.91
C GLU C 132 -11.92 18.77 -9.14
N LEU C 133 -10.98 18.11 -9.81
CA LEU C 133 -11.07 16.66 -10.06
C LEU C 133 -10.73 15.91 -8.76
N PHE C 134 -9.72 16.40 -8.03
CA PHE C 134 -9.28 15.85 -6.74
C PHE C 134 -8.55 17.01 -6.08
N PRO C 135 -8.69 17.13 -4.76
CA PRO C 135 -8.07 18.19 -3.95
C PRO C 135 -6.65 18.06 -3.50
N GLY C 136 -5.88 17.12 -4.03
CA GLY C 136 -4.53 16.99 -3.55
C GLY C 136 -3.51 17.11 -4.65
N LEU C 137 -2.37 17.71 -4.33
CA LEU C 137 -1.28 17.90 -5.27
C LEU C 137 -0.56 16.55 -5.39
N ILE C 138 -0.52 15.99 -6.59
CA ILE C 138 0.15 14.72 -6.77
C ILE C 138 1.65 14.98 -7.07
N TYR C 139 2.49 14.85 -6.06
CA TYR C 139 3.92 15.09 -6.20
C TYR C 139 4.72 13.86 -6.51
N ARG C 140 5.05 13.68 -7.77
CA ARG C 140 5.79 12.50 -8.18
C ARG C 140 7.29 12.70 -8.00
N MET C 141 7.78 12.49 -6.78
CA MET C 141 9.21 12.66 -6.48
C MET C 141 10.00 11.63 -7.25
N ILE C 142 11.26 11.94 -7.54
CA ILE C 142 12.11 11.02 -8.29
C ILE C 142 13.09 10.26 -7.41
N LYS C 143 13.71 10.92 -6.44
CA LYS C 143 14.66 10.24 -5.55
C LYS C 143 14.17 10.42 -4.12
N PRO C 144 13.64 9.35 -3.50
CA PRO C 144 13.48 7.99 -4.01
C PRO C 144 12.21 8.05 -4.84
N ARG C 145 11.97 7.04 -5.66
CA ARG C 145 10.80 7.05 -6.50
C ARG C 145 9.53 6.92 -5.65
N ILE C 146 9.07 8.04 -5.10
CA ILE C 146 7.88 8.04 -4.24
C ILE C 146 6.86 9.12 -4.61
N VAL C 147 5.62 8.73 -4.85
CA VAL C 147 4.59 9.70 -5.20
C VAL C 147 3.94 10.15 -3.90
N LEU C 148 3.86 11.46 -3.67
CA LEU C 148 3.23 11.96 -2.47
C LEU C 148 1.97 12.73 -2.81
N LEU C 149 0.90 12.53 -2.06
CA LEU C 149 -0.32 13.29 -2.28
C LEU C 149 -0.24 14.40 -1.20
N ILE C 150 -0.07 15.65 -1.60
CA ILE C 150 0.03 16.75 -0.63
C ILE C 150 -1.31 17.43 -0.58
N PHE C 151 -1.86 17.70 0.61
CA PHE C 151 -3.16 18.38 0.72
C PHE C 151 -3.07 19.72 1.44
N VAL C 152 -4.07 20.56 1.20
CA VAL C 152 -4.17 21.89 1.80
C VAL C 152 -3.76 22.04 3.28
N SER C 153 -4.24 21.13 4.12
CA SER C 153 -4.01 21.13 5.57
C SER C 153 -2.63 20.77 6.06
N GLY C 154 -1.87 20.13 5.19
CA GLY C 154 -0.55 19.71 5.61
C GLY C 154 -0.49 18.20 5.77
N LYS C 155 -1.61 17.50 5.54
CA LYS C 155 -1.59 16.06 5.62
C LYS C 155 -0.85 15.67 4.34
N VAL C 156 0.05 14.71 4.46
CA VAL C 156 0.86 14.22 3.35
C VAL C 156 0.79 12.71 3.33
N VAL C 157 0.73 12.12 2.14
CA VAL C 157 0.68 10.65 2.03
C VAL C 157 1.82 10.21 1.10
N LEU C 158 2.77 9.42 1.56
CA LEU C 158 3.83 8.95 0.68
C LEU C 158 3.40 7.59 0.24
N THR C 159 3.73 7.22 -0.99
CA THR C 159 3.30 5.94 -1.52
C THR C 159 4.22 5.35 -2.60
N GLY C 160 4.00 4.10 -2.97
CA GLY C 160 4.83 3.47 -3.98
C GLY C 160 6.21 3.09 -3.49
N ALA C 161 6.33 2.80 -2.19
CA ALA C 161 7.61 2.41 -1.57
C ALA C 161 7.82 0.91 -1.41
N LYS C 162 9.04 0.45 -1.61
CA LYS C 162 9.36 -0.98 -1.42
C LYS C 162 10.06 -1.13 -0.09
N VAL C 163 10.40 -0.01 0.53
CA VAL C 163 11.09 -0.06 1.76
C VAL C 163 10.80 1.17 2.57
N ARG C 164 10.48 0.93 3.81
CA ARG C 164 10.21 1.96 4.79
C ARG C 164 11.17 3.14 4.63
N ALA C 165 12.43 2.88 4.33
CA ALA C 165 13.41 3.97 4.19
C ALA C 165 13.08 4.99 3.09
N GLU C 166 12.43 4.53 2.02
CA GLU C 166 12.07 5.41 0.90
C GLU C 166 11.07 6.44 1.40
N ILE C 167 10.10 5.97 2.18
CA ILE C 167 9.12 6.88 2.74
C ILE C 167 9.83 7.88 3.65
N TYR C 168 10.70 7.43 4.56
CA TYR C 168 11.39 8.41 5.40
C TYR C 168 12.18 9.41 4.51
N GLU C 169 12.97 8.91 3.56
CA GLU C 169 13.72 9.80 2.66
C GLU C 169 12.73 10.77 2.04
N ALA C 170 11.81 10.24 1.25
CA ALA C 170 10.81 11.04 0.57
C ALA C 170 10.31 12.18 1.43
N PHE C 171 9.79 11.90 2.62
CA PHE C 171 9.27 12.99 3.44
C PHE C 171 10.30 14.02 3.73
N GLU C 172 11.44 13.58 4.26
CA GLU C 172 12.53 14.49 4.60
C GLU C 172 12.88 15.39 3.42
N ASN C 173 12.71 14.85 2.23
CA ASN C 173 12.99 15.64 1.05
C ASN C 173 11.89 16.68 0.88
N ILE C 174 10.64 16.25 0.86
CA ILE C 174 9.52 17.17 0.64
C ILE C 174 9.22 18.16 1.76
N TYR C 175 9.73 17.91 2.96
CA TYR C 175 9.44 18.78 4.09
C TYR C 175 9.80 20.25 3.95
N PRO C 176 11.10 20.55 3.83
CA PRO C 176 11.54 21.93 3.70
C PRO C 176 10.81 22.62 2.56
N ILE C 177 10.59 21.88 1.48
CA ILE C 177 9.89 22.41 0.33
C ILE C 177 8.44 22.78 0.77
N LEU C 178 7.79 21.89 1.51
CA LEU C 178 6.44 22.15 1.98
C LEU C 178 6.42 23.32 2.94
N LYS C 179 7.35 23.31 3.88
CA LYS C 179 7.47 24.36 4.87
C LYS C 179 7.61 25.74 4.22
N GLY C 180 7.99 25.75 2.94
CA GLY C 180 8.15 26.99 2.19
C GLY C 180 6.92 27.45 1.41
N PHE C 181 5.82 26.73 1.57
CA PHE C 181 4.58 27.08 0.90
C PHE C 181 3.48 27.18 1.92
N ARG C 182 3.85 27.57 3.14
CA ARG C 182 2.86 27.72 4.20
C ARG C 182 1.76 28.67 3.76
N LYS C 183 0.52 28.21 3.82
CA LYS C 183 -0.62 29.04 3.45
C LYS C 183 -0.53 30.28 4.36
N THR C 184 -0.52 31.44 3.69
CA THR C 184 -0.46 32.77 4.28
C THR C 184 -0.97 32.93 5.73
#